data_7BO9
#
_entry.id   7BO9
#
_cell.length_a   44.630
_cell.length_b   50.900
_cell.length_c   69.430
_cell.angle_alpha   90.000
_cell.angle_beta   90.000
_cell.angle_gamma   90.000
#
_symmetry.space_group_name_H-M   'P 21 21 21'
#
loop_
_entity.id
_entity.type
_entity.pdbx_description
1 polymer CC-Type2-(VaYd)4-Y3F-W19(BrPhe)
2 non-polymer GLYCEROL
3 water water
#
_entity_poly.entity_id   1
_entity_poly.type   'polypeptide(L)'
_entity_poly.pdbx_seq_one_letter_code
;(ACE)GEFAQAVKEYAKAVKEYA(4BF)AVKEYAQAVKG(NH2)
;
_entity_poly.pdbx_strand_id   A,B,C,D,E,F
#
loop_
_chem_comp.id
_chem_comp.type
_chem_comp.name
_chem_comp.formula
ACE non-polymer 'ACETYL GROUP' 'C2 H4 O'
GOL non-polymer GLYCEROL 'C3 H8 O3'
NH2 non-polymer 'AMINO GROUP' 'H2 N'
#
# COMPACT_ATOMS: atom_id res chain seq x y z
N GLY A 2 17.85 -20.07 -3.67
CA GLY A 2 18.29 -19.93 -2.26
C GLY A 2 17.31 -19.12 -1.42
N GLU A 3 17.73 -18.72 -0.23
CA GLU A 3 16.85 -18.10 0.78
C GLU A 3 16.41 -16.73 0.30
N PHE A 4 17.27 -15.97 -0.31
CA PHE A 4 16.91 -14.63 -0.84
C PHE A 4 15.88 -14.74 -1.97
N ALA A 5 16.06 -15.62 -2.94
CA ALA A 5 15.08 -15.85 -4.05
C ALA A 5 13.71 -16.22 -3.44
N GLN A 6 13.72 -17.07 -2.42
CA GLN A 6 12.47 -17.52 -1.76
C GLN A 6 11.80 -16.33 -1.05
N ALA A 7 12.56 -15.49 -0.36
CA ALA A 7 12.04 -14.27 0.30
C ALA A 7 11.48 -13.33 -0.78
N VAL A 8 12.17 -13.18 -1.89
CA VAL A 8 11.66 -12.25 -2.96
C VAL A 8 10.32 -12.84 -3.52
N LYS A 9 10.18 -14.16 -3.68
CA LYS A 9 8.88 -14.77 -4.12
C LYS A 9 7.78 -14.45 -3.08
N GLU A 10 8.07 -14.56 -1.79
CA GLU A 10 7.09 -14.25 -0.71
C GLU A 10 6.75 -12.77 -0.76
N TYR A 11 7.73 -11.91 -1.00
CA TYR A 11 7.48 -10.46 -1.17
C TYR A 11 6.61 -10.24 -2.40
N ALA A 12 6.88 -10.88 -3.54
CA ALA A 12 6.04 -10.77 -4.76
C ALA A 12 4.58 -11.08 -4.43
N LYS A 13 4.36 -12.15 -3.73
CA LYS A 13 2.98 -12.59 -3.35
C LYS A 13 2.28 -11.51 -2.50
N ALA A 14 2.99 -10.97 -1.52
CA ALA A 14 2.46 -9.88 -0.68
C ALA A 14 2.11 -8.62 -1.48
N VAL A 15 3.05 -8.18 -2.34
CA VAL A 15 2.79 -6.99 -3.19
C VAL A 15 1.55 -7.27 -4.05
N LYS A 16 1.44 -8.43 -4.68
CA LYS A 16 0.27 -8.82 -5.50
C LYS A 16 -0.99 -8.75 -4.62
N GLU A 17 -0.95 -9.29 -3.41
CA GLU A 17 -2.14 -9.30 -2.52
C GLU A 17 -2.52 -7.87 -2.18
N TYR A 18 -1.53 -7.00 -1.98
CA TYR A 18 -1.77 -5.60 -1.62
C TYR A 18 -2.43 -4.90 -2.82
N ALA A 19 -1.88 -5.13 -4.02
CA ALA A 19 -2.50 -4.61 -5.26
C ALA A 19 -4.01 -4.86 -5.30
CD1 4BF A 20 -4.82 -8.37 -7.34
CE1 4BF A 20 -4.29 -9.12 -8.39
CZ 4BF A 20 -4.18 -10.45 -8.19
BR 4BF A 20 -3.59 -11.52 -9.67
CE2 4BF A 20 -4.63 -11.09 -7.06
CD2 4BF A 20 -5.09 -10.32 -6.00
CG 4BF A 20 -5.19 -8.95 -6.14
CB 4BF A 20 -5.77 -8.13 -5.01
CA 4BF A 20 -5.75 -6.61 -5.20
N 4BF A 20 -4.34 -6.16 -5.10
C 4BF A 20 -6.60 -5.95 -4.11
O 4BF A 20 -7.69 -5.50 -4.47
N ALA A 21 -6.08 -5.71 -2.91
CA ALA A 21 -6.79 -5.00 -1.85
C ALA A 21 -6.97 -3.53 -2.24
N VAL A 22 -5.94 -2.87 -2.79
CA VAL A 22 -6.01 -1.45 -3.24
C VAL A 22 -7.10 -1.28 -4.31
N LYS A 23 -7.21 -2.24 -5.23
CA LYS A 23 -8.25 -2.22 -6.29
C LYS A 23 -9.63 -2.31 -5.61
N GLU A 24 -9.77 -3.19 -4.61
N GLU A 24 -9.80 -3.17 -4.61
CA GLU A 24 -11.05 -3.29 -3.86
CA GLU A 24 -11.08 -3.27 -3.85
C GLU A 24 -11.36 -1.93 -3.20
C GLU A 24 -11.38 -1.93 -3.14
N TYR A 25 -10.37 -1.27 -2.57
CA TYR A 25 -10.58 0.00 -1.88
C TYR A 25 -10.99 1.02 -2.92
N ALA A 26 -10.37 1.02 -4.10
CA ALA A 26 -10.74 2.00 -5.16
C ALA A 26 -12.19 1.82 -5.56
N GLN A 27 -12.66 0.58 -5.69
CA GLN A 27 -14.06 0.30 -6.08
C GLN A 27 -15.00 0.82 -4.98
N ALA A 28 -14.63 0.67 -3.71
CA ALA A 28 -15.49 1.08 -2.58
C ALA A 28 -15.61 2.60 -2.58
N VAL A 29 -14.51 3.28 -2.86
CA VAL A 29 -14.50 4.77 -2.90
C VAL A 29 -15.41 5.25 -4.04
N LYS A 30 -15.58 4.48 -5.09
CA LYS A 30 -16.50 4.85 -6.21
C LYS A 30 -17.93 4.39 -5.92
N GLY A 31 -18.11 3.24 -5.27
CA GLY A 31 -19.40 2.55 -5.08
C GLY A 31 -19.18 1.07 -4.81
C ACE B 1 -12.83 12.48 9.99
O ACE B 1 -11.86 12.22 9.40
CH3 ACE B 1 -14.16 11.89 9.47
N GLY B 2 -12.88 13.28 11.09
CA GLY B 2 -11.69 13.84 11.82
CA GLY B 2 -11.68 13.84 11.83
C GLY B 2 -10.61 12.78 12.09
N GLU B 3 -10.89 11.76 12.88
CA GLU B 3 -9.86 10.78 13.27
C GLU B 3 -9.44 9.94 12.07
N PHE B 4 -10.38 9.56 11.22
CA PHE B 4 -9.97 8.74 10.05
C PHE B 4 -9.08 9.56 9.13
N ALA B 5 -9.39 10.85 8.88
CA ALA B 5 -8.54 11.67 7.99
C ALA B 5 -7.11 11.78 8.53
N GLN B 6 -6.96 11.88 9.86
CA GLN B 6 -5.62 11.91 10.49
C GLN B 6 -4.88 10.59 10.20
N ALA B 7 -5.58 9.44 10.33
CA ALA B 7 -4.99 8.13 10.02
C ALA B 7 -4.56 8.03 8.55
N VAL B 8 -5.32 8.56 7.62
CA VAL B 8 -4.98 8.55 6.17
C VAL B 8 -3.70 9.39 6.02
N LYS B 9 -3.67 10.54 6.70
CA LYS B 9 -2.48 11.44 6.64
C LYS B 9 -1.22 10.75 7.16
N GLU B 10 -1.34 9.96 8.23
CA GLU B 10 -0.23 9.25 8.86
C GLU B 10 0.17 8.16 7.86
N TYR B 11 -0.79 7.47 7.25
CA TYR B 11 -0.42 6.38 6.29
C TYR B 11 0.31 7.00 5.10
N ALA B 12 -0.23 8.06 4.50
CA ALA B 12 0.46 8.77 3.39
C ALA B 12 1.92 9.10 3.74
N LYS B 13 2.22 9.53 4.97
CA LYS B 13 3.62 9.80 5.42
CA LYS B 13 3.62 9.79 5.43
C LYS B 13 4.46 8.50 5.38
N ALA B 14 3.89 7.38 5.86
CA ALA B 14 4.58 6.08 5.90
C ALA B 14 4.87 5.60 4.46
N VAL B 15 3.91 5.76 3.53
CA VAL B 15 4.11 5.31 2.11
C VAL B 15 5.24 6.16 1.51
N LYS B 16 5.25 7.46 1.76
CA LYS B 16 6.34 8.33 1.24
C LYS B 16 7.72 7.87 1.78
N GLU B 17 7.84 7.58 3.09
CA GLU B 17 9.07 7.06 3.69
C GLU B 17 9.46 5.72 3.04
N TYR B 18 8.51 4.80 2.84
CA TYR B 18 8.80 3.53 2.16
C TYR B 18 9.28 3.76 0.70
N ALA B 19 8.70 4.76 0.04
CA ALA B 19 9.03 5.05 -1.38
C ALA B 19 10.52 5.43 -1.42
CD1 4BF B 20 12.10 9.76 -0.53
CE1 4BF B 20 11.61 11.05 -0.57
CZ 4BF B 20 11.10 11.59 0.59
BR 4BF B 20 10.44 13.38 0.55
CE2 4BF B 20 11.11 10.91 1.78
CD2 4BF B 20 11.61 9.62 1.79
CG 4BF B 20 12.07 9.02 0.63
CB 4BF B 20 12.69 7.66 0.69
CA 4BF B 20 12.38 6.70 -0.46
N 4BF B 20 10.94 6.31 -0.43
C 4BF B 20 13.26 5.48 -0.19
O 4BF B 20 14.31 5.28 -0.81
N ALA B 21 12.80 4.49 0.64
CA ALA B 21 13.64 3.29 0.92
C ALA B 21 13.71 2.36 -0.31
N VAL B 22 12.61 2.16 -1.01
CA VAL B 22 12.56 1.36 -2.28
C VAL B 22 13.49 2.04 -3.32
N LYS B 23 13.41 3.34 -3.43
CA LYS B 23 14.30 4.06 -4.39
C LYS B 23 15.77 3.79 -4.04
N GLU B 24 16.13 3.83 -2.75
CA GLU B 24 17.52 3.58 -2.29
C GLU B 24 17.88 2.14 -2.61
N TYR B 25 16.98 1.19 -2.35
CA TYR B 25 17.24 -0.23 -2.65
C TYR B 25 17.39 -0.47 -4.17
N ALA B 26 16.61 0.19 -5.03
CA ALA B 26 16.74 0.06 -6.50
C ALA B 26 18.17 0.46 -6.92
N GLN B 27 18.70 1.48 -6.26
CA GLN B 27 20.06 2.01 -6.59
C GLN B 27 21.09 0.99 -6.11
N ALA B 28 20.89 0.39 -4.94
CA ALA B 28 21.79 -0.61 -4.35
C ALA B 28 21.82 -1.90 -5.18
N VAL B 29 20.70 -2.32 -5.75
CA VAL B 29 20.62 -3.57 -6.55
C VAL B 29 21.36 -3.35 -7.87
N LYS B 30 21.09 -2.21 -8.51
CA LYS B 30 21.77 -1.73 -9.76
C LYS B 30 23.30 -1.82 -9.57
N GLY B 31 23.83 -1.45 -8.40
CA GLY B 31 25.20 -1.80 -7.97
C GLY B 31 25.38 -3.30 -7.77
C ACE C 1 16.96 -14.00 5.39
O ACE C 1 16.93 -12.87 5.01
CH3 ACE C 1 16.69 -15.16 4.44
N GLY C 2 17.24 -14.42 6.64
CA GLY C 2 17.59 -13.56 7.84
C GLY C 2 16.62 -12.42 8.04
N GLU C 3 17.12 -11.17 8.19
CA GLU C 3 16.22 -10.08 8.60
C GLU C 3 15.29 -9.78 7.41
N PHE C 4 15.75 -9.91 6.15
CA PHE C 4 14.84 -9.61 5.00
C PHE C 4 13.71 -10.63 4.93
N ALA C 5 13.97 -11.92 5.14
CA ALA C 5 12.86 -12.90 5.11
C ALA C 5 11.86 -12.62 6.24
N GLN C 6 12.36 -12.18 7.40
CA GLN C 6 11.50 -11.90 8.53
C GLN C 6 10.66 -10.65 8.24
N ALA C 7 11.30 -9.66 7.66
CA ALA C 7 10.60 -8.42 7.30
C ALA C 7 9.47 -8.74 6.31
N VAL C 8 9.75 -9.55 5.30
CA VAL C 8 8.72 -9.93 4.31
C VAL C 8 7.57 -10.66 5.01
N LYS C 9 7.84 -11.53 5.96
CA LYS C 9 6.75 -12.22 6.64
C LYS C 9 5.88 -11.23 7.43
N GLU C 10 6.46 -10.24 8.08
CA GLU C 10 5.69 -9.19 8.78
C GLU C 10 4.84 -8.41 7.78
N TYR C 11 5.43 -8.04 6.64
CA TYR C 11 4.71 -7.31 5.59
C TYR C 11 3.54 -8.12 5.06
N ALA C 12 3.76 -9.42 4.81
CA ALA C 12 2.69 -10.27 4.21
C ALA C 12 1.52 -10.36 5.20
N LYS C 13 1.82 -10.45 6.52
CA LYS C 13 0.74 -10.54 7.57
C LYS C 13 -0.06 -9.23 7.62
N ALA C 14 0.65 -8.10 7.56
CA ALA C 14 0.01 -6.77 7.55
C ALA C 14 -0.88 -6.60 6.33
N VAL C 15 -0.42 -6.99 5.14
CA VAL C 15 -1.23 -6.90 3.91
C VAL C 15 -2.55 -7.66 4.09
N LYS C 16 -2.47 -8.84 4.70
CA LYS C 16 -3.71 -9.61 4.88
C LYS C 16 -4.65 -8.88 5.86
N GLU C 17 -4.12 -8.20 6.88
CA GLU C 17 -4.98 -7.40 7.80
C GLU C 17 -5.62 -6.25 7.00
N TYR C 18 -4.86 -5.59 6.16
CA TYR C 18 -5.41 -4.50 5.31
C TYR C 18 -6.48 -5.07 4.37
N ALA C 19 -6.26 -6.23 3.76
CA ALA C 19 -7.26 -6.81 2.84
C ALA C 19 -8.59 -7.06 3.55
CD1 4BF C 20 -11.52 -9.77 7.73
CE1 4BF C 20 -12.56 -9.94 8.62
CZ 4BF C 20 -12.60 -9.14 9.74
BR 4BF C 20 -14.06 -9.39 10.95
CE2 4BF C 20 -11.64 -8.18 9.98
CD2 4BF C 20 -10.61 -8.03 9.06
CG 4BF C 20 -10.54 -8.80 7.91
CB 4BF C 20 -9.44 -8.64 6.90
CA 4BF C 20 -9.77 -7.82 5.64
N 4BF C 20 -8.54 -7.63 4.82
C 4BF C 20 -10.44 -6.48 5.95
O 4BF C 20 -11.70 -6.40 5.85
N ALA C 21 -9.61 -5.49 6.32
CA ALA C 21 -10.21 -4.19 6.65
C ALA C 21 -10.93 -3.59 5.46
N VAL C 22 -10.35 -3.73 4.28
CA VAL C 22 -10.99 -3.15 3.05
C VAL C 22 -12.33 -3.82 2.81
N LYS C 23 -12.42 -5.11 3.02
CA LYS C 23 -13.70 -5.82 2.83
C LYS C 23 -14.73 -5.32 3.84
N GLU C 24 -14.31 -5.06 5.07
CA GLU C 24 -15.26 -4.49 6.05
C GLU C 24 -15.74 -3.12 5.61
N TYR C 25 -14.87 -2.24 5.13
CA TYR C 25 -15.26 -0.91 4.65
C TYR C 25 -16.19 -1.07 3.42
N ALA C 26 -15.88 -1.98 2.50
CA ALA C 26 -16.69 -2.19 1.28
C ALA C 26 -18.12 -2.58 1.66
N GLN C 27 -18.25 -3.50 2.61
CA GLN C 27 -19.58 -3.98 3.11
C GLN C 27 -20.34 -2.84 3.79
N ALA C 28 -19.68 -1.98 4.55
CA ALA C 28 -20.31 -0.83 5.24
C ALA C 28 -20.88 0.13 4.21
N VAL C 29 -20.12 0.48 3.19
CA VAL C 29 -20.55 1.40 2.09
C VAL C 29 -21.74 0.81 1.30
N LYS C 30 -21.87 -0.52 1.21
CA LYS C 30 -22.93 -1.23 0.45
C LYS C 30 -24.25 -1.27 1.26
N GLY C 31 -24.22 -0.95 2.56
CA GLY C 31 -25.41 -1.07 3.43
C GLY C 31 -25.62 -2.53 3.83
N NH2 C 32 -26.59 -2.94 4.44
N GLY D 2 19.51 -5.59 -14.92
N GLY D 2 18.97 -8.41 -15.72
CA GLY D 2 18.75 -6.87 -15.11
CA GLY D 2 18.74 -6.98 -15.27
C GLY D 2 17.28 -6.72 -14.78
C GLY D 2 17.30 -6.74 -14.85
N GLU D 3 16.52 -7.82 -14.88
CA GLU D 3 15.05 -7.87 -14.67
C GLU D 3 14.72 -7.41 -13.25
N PHE D 4 15.43 -7.94 -12.23
CA PHE D 4 15.16 -7.57 -10.81
C PHE D 4 15.42 -6.07 -10.59
N ALA D 5 16.57 -5.51 -11.00
CA ALA D 5 16.84 -4.07 -10.78
C ALA D 5 15.74 -3.22 -11.45
N GLN D 6 15.31 -3.60 -12.66
CA GLN D 6 14.25 -2.89 -13.43
C GLN D 6 12.95 -2.96 -12.63
N ALA D 7 12.64 -4.13 -12.07
CA ALA D 7 11.41 -4.32 -11.29
C ALA D 7 11.43 -3.41 -10.07
N VAL D 8 12.57 -3.34 -9.38
CA VAL D 8 12.65 -2.52 -8.14
C VAL D 8 12.53 -1.03 -8.52
N LYS D 9 13.15 -0.60 -9.62
CA LYS D 9 13.02 0.78 -10.15
C LYS D 9 11.55 1.12 -10.44
N GLU D 10 10.85 0.25 -11.14
CA GLU D 10 9.39 0.39 -11.43
C GLU D 10 8.61 0.42 -10.13
N TYR D 11 8.95 -0.44 -9.17
CA TYR D 11 8.23 -0.44 -7.88
C TYR D 11 8.41 0.90 -7.15
N ALA D 12 9.63 1.44 -7.12
CA ALA D 12 9.88 2.71 -6.42
C ALA D 12 9.00 3.80 -7.03
N LYS D 13 8.85 3.78 -8.35
CA LYS D 13 8.07 4.83 -9.04
C LYS D 13 6.60 4.69 -8.65
N ALA D 14 6.06 3.46 -8.61
CA ALA D 14 4.65 3.20 -8.28
C ALA D 14 4.37 3.55 -6.81
N VAL D 15 5.29 3.22 -5.90
CA VAL D 15 5.07 3.55 -4.45
C VAL D 15 5.04 5.08 -4.30
N LYS D 16 5.91 5.77 -5.03
CA LYS D 16 5.93 7.26 -4.99
C LYS D 16 4.60 7.85 -5.47
N GLU D 17 4.07 7.37 -6.58
CA GLU D 17 2.73 7.73 -7.09
C GLU D 17 1.62 7.42 -6.07
N TYR D 18 1.68 6.25 -5.45
CA TYR D 18 0.70 5.83 -4.46
C TYR D 18 0.74 6.82 -3.28
N ALA D 19 1.92 7.23 -2.81
CA ALA D 19 2.01 8.25 -1.71
C ALA D 19 1.23 9.52 -2.08
CD1 4BF D 20 3.14 12.59 -4.50
CE1 4BF D 20 4.45 12.92 -4.77
CZ 4BF D 20 4.98 12.57 -5.99
BR 4BF D 20 6.77 13.03 -6.37
CE2 4BF D 20 4.23 11.92 -6.95
CD2 4BF D 20 2.92 11.60 -6.66
CG 4BF D 20 2.36 11.91 -5.41
CB 4BF D 20 0.93 11.57 -5.13
CA 4BF D 20 0.61 11.15 -3.70
N 4BF D 20 1.38 9.92 -3.31
C 4BF D 20 -0.91 10.95 -3.69
O 4BF D 20 -1.64 11.85 -3.18
N ALA D 21 -1.37 9.81 -4.22
CA ALA D 21 -2.81 9.51 -4.17
C ALA D 21 -3.28 9.41 -2.71
N VAL D 22 -2.57 8.71 -1.82
CA VAL D 22 -3.06 8.59 -0.42
C VAL D 22 -3.09 10.00 0.20
N LYS D 23 -2.14 10.84 -0.14
CA LYS D 23 -2.10 12.22 0.41
C LYS D 23 -3.35 12.97 -0.09
N GLU D 24 -3.71 12.82 -1.35
CA GLU D 24 -4.94 13.45 -1.92
CA GLU D 24 -4.94 13.45 -1.92
C GLU D 24 -6.20 12.88 -1.25
N TYR D 25 -6.23 11.57 -0.96
CA TYR D 25 -7.39 10.95 -0.28
C TYR D 25 -7.55 11.54 1.14
N ALA D 26 -6.44 11.86 1.81
CA ALA D 26 -6.43 12.43 3.19
C ALA D 26 -7.14 13.80 3.13
N GLN D 27 -6.69 14.61 2.18
CA GLN D 27 -7.27 15.95 1.91
C GLN D 27 -8.77 15.81 1.61
N ALA D 28 -9.19 14.82 0.79
CA ALA D 28 -10.61 14.57 0.41
C ALA D 28 -11.46 14.10 1.58
N VAL D 29 -10.97 13.17 2.40
CA VAL D 29 -11.74 12.65 3.57
C VAL D 29 -12.08 13.78 4.56
N LYS D 30 -11.20 14.75 4.73
CA LYS D 30 -11.40 15.83 5.73
C LYS D 30 -12.34 16.89 5.15
N GLY D 31 -12.04 17.41 3.96
CA GLY D 31 -12.62 18.65 3.40
C GLY D 31 -14.07 18.86 3.81
C ACE E 1 11.77 -11.68 -10.78
O ACE E 1 11.23 -10.59 -10.96
CH3 ACE E 1 12.84 -11.85 -9.70
N GLY E 2 11.54 -12.77 -11.57
CA GLY E 2 10.45 -12.67 -12.59
C GLY E 2 9.07 -12.56 -11.96
N GLU E 3 8.82 -13.30 -10.88
CA GLU E 3 7.54 -13.23 -10.13
C GLU E 3 7.40 -11.82 -9.55
N PHE E 4 8.49 -11.26 -9.02
CA PHE E 4 8.45 -9.92 -8.41
C PHE E 4 8.13 -8.91 -9.53
N ALA E 5 8.68 -9.05 -10.71
CA ALA E 5 8.33 -8.13 -11.84
C ALA E 5 6.82 -8.16 -12.13
N GLN E 6 6.18 -9.34 -12.14
CA GLN E 6 4.72 -9.53 -12.39
C GLN E 6 3.94 -8.87 -11.25
N ALA E 7 4.36 -9.03 -10.01
CA ALA E 7 3.71 -8.38 -8.86
C ALA E 7 3.76 -6.86 -9.00
N VAL E 8 4.90 -6.35 -9.39
CA VAL E 8 5.04 -4.86 -9.51
C VAL E 8 4.08 -4.36 -10.60
N LYS E 9 3.91 -5.09 -11.69
CA LYS E 9 2.97 -4.67 -12.78
C LYS E 9 1.57 -4.62 -12.21
N GLU E 10 1.12 -5.64 -11.46
CA GLU E 10 -0.22 -5.60 -10.83
C GLU E 10 -0.34 -4.42 -9.86
N TYR E 11 0.68 -4.14 -9.08
CA TYR E 11 0.68 -3.00 -8.12
C TYR E 11 0.59 -1.68 -8.90
N ALA E 12 1.35 -1.54 -9.96
CA ALA E 12 1.37 -0.28 -10.78
C ALA E 12 -0.03 -0.02 -11.33
N LYS E 13 -0.72 -1.04 -11.82
CA LYS E 13 -2.11 -0.94 -12.34
C LYS E 13 -3.08 -0.56 -11.21
N ALA E 14 -2.96 -1.14 -10.01
CA ALA E 14 -3.87 -0.83 -8.89
C ALA E 14 -3.68 0.61 -8.44
N VAL E 15 -2.45 1.09 -8.38
CA VAL E 15 -2.15 2.47 -7.91
C VAL E 15 -2.82 3.46 -8.88
N LYS E 16 -2.77 3.19 -10.17
CA LYS E 16 -3.46 4.06 -11.17
C LYS E 16 -4.98 4.06 -10.95
N GLU E 17 -5.61 2.93 -10.68
CA GLU E 17 -7.06 2.81 -10.44
C GLU E 17 -7.43 3.56 -9.16
N TYR E 18 -6.62 3.40 -8.10
CA TYR E 18 -6.80 4.10 -6.81
C TYR E 18 -6.75 5.61 -7.05
N ALA E 19 -5.70 6.05 -7.71
CA ALA E 19 -5.47 7.51 -7.94
C ALA E 19 -6.64 8.10 -8.74
CD1 4BF E 20 -9.78 8.40 -13.36
CE1 4BF E 20 -10.92 8.86 -14.04
CZ 4BF E 20 -12.14 8.28 -13.77
BR 4BF E 20 -13.72 8.88 -14.72
CE2 4BF E 20 -12.28 7.30 -12.82
CD2 4BF E 20 -11.15 6.90 -12.12
CG 4BF E 20 -9.90 7.43 -12.38
CB 4BF E 20 -8.68 7.00 -11.60
CA 4BF E 20 -8.40 7.91 -10.40
N 4BF E 20 -7.20 7.44 -9.68
C 4BF E 20 -9.62 7.89 -9.50
O 4BF E 20 -10.44 8.89 -9.52
N ALA E 21 -9.90 6.81 -8.70
CA ALA E 21 -11.06 6.83 -7.85
C ALA E 21 -10.98 7.93 -6.81
N VAL E 22 -9.78 8.20 -6.27
CA VAL E 22 -9.52 9.27 -5.27
C VAL E 22 -9.80 10.62 -5.92
N LYS E 23 -9.36 10.83 -7.15
CA LYS E 23 -9.59 12.13 -7.89
C LYS E 23 -11.09 12.37 -8.05
N GLU E 24 -11.82 11.35 -8.44
CA GLU E 24 -13.27 11.45 -8.69
C GLU E 24 -13.98 11.75 -7.37
N TYR E 25 -13.63 11.05 -6.30
CA TYR E 25 -14.15 11.25 -4.93
C TYR E 25 -13.91 12.69 -4.47
N ALA E 26 -12.70 13.21 -4.62
CA ALA E 26 -12.35 14.57 -4.17
C ALA E 26 -13.25 15.58 -4.92
N GLN E 27 -13.75 15.20 -6.10
CA GLN E 27 -14.81 15.94 -6.85
C GLN E 27 -16.22 15.72 -6.27
N ALA E 28 -16.62 14.48 -6.05
CA ALA E 28 -17.96 14.11 -5.54
C ALA E 28 -18.27 14.95 -4.29
N VAL E 29 -17.36 14.99 -3.32
CA VAL E 29 -17.44 15.93 -2.16
C VAL E 29 -17.38 17.37 -2.69
N LYS E 30 -16.22 17.78 -3.22
CA LYS E 30 -15.92 19.11 -3.84
C LYS E 30 -15.22 18.88 -5.18
N GLY F 2 20.02 -5.99 6.70
CA GLY F 2 20.59 -4.61 6.50
C GLY F 2 19.50 -3.55 6.42
N GLU F 3 19.68 -2.55 5.56
CA GLU F 3 18.87 -1.31 5.64
C GLU F 3 17.45 -1.43 5.03
N PHE F 4 17.31 -2.05 3.86
CA PHE F 4 15.96 -2.19 3.25
C PHE F 4 15.08 -3.04 4.17
N ALA F 5 15.59 -4.12 4.72
CA ALA F 5 14.74 -5.00 5.59
C ALA F 5 14.08 -4.18 6.72
N GLN F 6 14.79 -3.24 7.37
CA GLN F 6 14.21 -2.46 8.47
C GLN F 6 13.12 -1.53 7.91
N ALA F 7 13.30 -0.98 6.71
CA ALA F 7 12.29 -0.15 5.99
C ALA F 7 11.05 -0.99 5.74
N VAL F 8 11.21 -2.22 5.29
CA VAL F 8 10.00 -3.09 5.05
C VAL F 8 9.31 -3.37 6.41
N LYS F 9 10.06 -3.66 7.49
CA LYS F 9 9.42 -3.84 8.82
C LYS F 9 8.64 -2.60 9.28
N GLU F 10 9.22 -1.43 9.12
CA GLU F 10 8.58 -0.17 9.52
C GLU F 10 7.32 0.06 8.67
N TYR F 11 7.38 -0.25 7.36
CA TYR F 11 6.20 -0.05 6.47
C TYR F 11 5.09 -1.01 6.90
N ALA F 12 5.44 -2.26 7.19
CA ALA F 12 4.46 -3.27 7.60
C ALA F 12 3.73 -2.75 8.83
N LYS F 13 4.46 -2.13 9.80
CA LYS F 13 3.77 -1.62 11.02
C LYS F 13 2.77 -0.54 10.60
N ALA F 14 3.11 0.32 9.66
CA ALA F 14 2.19 1.35 9.18
C ALA F 14 0.96 0.76 8.47
N VAL F 15 1.11 -0.26 7.67
CA VAL F 15 -0.02 -0.93 6.99
C VAL F 15 -0.94 -1.54 8.06
N LYS F 16 -0.39 -2.22 9.07
N LYS F 16 -0.41 -2.19 9.08
CA LYS F 16 -1.17 -2.74 10.22
CA LYS F 16 -1.28 -2.75 10.15
C LYS F 16 -1.98 -1.61 10.84
C LYS F 16 -1.99 -1.61 10.88
N GLU F 17 -1.33 -0.51 11.18
CA GLU F 17 -2.02 0.64 11.82
C GLU F 17 -3.11 1.17 10.90
N TYR F 18 -2.85 1.36 9.60
CA TYR F 18 -3.88 1.86 8.68
C TYR F 18 -5.03 0.87 8.60
N ALA F 19 -4.73 -0.43 8.50
CA ALA F 19 -5.78 -1.44 8.51
C ALA F 19 -6.69 -1.24 9.73
CD1 4BF F 20 -6.93 0.67 15.18
CE1 4BF F 20 -7.48 0.81 16.44
CZ 4BF F 20 -7.62 -0.29 17.21
BR 4BF F 20 -8.39 0.01 18.92
CE2 4BF F 20 -7.23 -1.56 16.82
CD2 4BF F 20 -6.67 -1.69 15.55
CG 4BF F 20 -6.52 -0.57 14.72
CB 4BF F 20 -5.92 -0.66 13.37
CA 4BF F 20 -6.90 -0.87 12.23
N 4BF F 20 -6.17 -1.11 10.96
C 4BF F 20 -7.77 0.37 12.10
O 4BF F 20 -8.96 0.34 12.46
N ALA F 21 -7.18 1.43 11.49
CA ALA F 21 -8.01 2.66 11.32
C ALA F 21 -9.16 2.51 10.32
N VAL F 22 -8.93 1.77 9.24
CA VAL F 22 -9.96 1.49 8.23
C VAL F 22 -11.09 0.72 8.88
N LYS F 23 -10.75 -0.29 9.67
CA LYS F 23 -11.80 -1.04 10.36
C LYS F 23 -12.60 -0.14 11.31
N GLU F 24 -11.94 0.74 12.05
CA GLU F 24 -12.59 1.66 13.02
C GLU F 24 -13.51 2.60 12.25
N TYR F 25 -13.08 3.06 11.09
CA TYR F 25 -13.90 3.95 10.22
C TYR F 25 -15.10 3.21 9.64
N ALA F 26 -14.93 1.94 9.24
CA ALA F 26 -16.06 1.11 8.78
C ALA F 26 -17.07 0.94 9.91
N GLN F 27 -16.61 0.73 11.14
CA GLN F 27 -17.49 0.50 12.32
C GLN F 27 -18.21 1.79 12.62
N ALA F 28 -17.56 2.91 12.32
CA ALA F 28 -18.16 4.26 12.43
C ALA F 28 -19.30 4.42 11.43
N VAL F 29 -19.13 4.03 10.16
CA VAL F 29 -20.20 3.98 9.11
C VAL F 29 -21.34 3.07 9.61
N LYS F 30 -21.03 1.85 10.00
CA LYS F 30 -22.08 0.92 10.45
C LYS F 30 -22.81 1.43 11.72
N GLY F 31 -22.33 2.51 12.37
CA GLY F 31 -22.80 3.07 13.65
C GLY F 31 -23.44 4.45 13.46
N NH2 F 32 -23.52 4.91 12.28
C1 GOL G . 4.77 -16.41 -4.84
O1 GOL G . 4.05 -17.49 -4.25
C2 GOL G . 4.64 -16.41 -6.35
O2 GOL G . 5.89 -16.74 -6.97
C3 GOL G . 4.11 -15.08 -6.85
O3 GOL G . 2.70 -14.97 -6.66
#